data_4HQS
#
_entry.id   4HQS
#
_cell.length_a   62.850
_cell.length_b   62.850
_cell.length_c   89.600
_cell.angle_alpha   90.00
_cell.angle_beta   90.00
_cell.angle_gamma   90.00
#
_symmetry.space_group_name_H-M   'P 43 21 2'
#
loop_
_entity.id
_entity.type
_entity.pdbx_description
1 polymer 'Thioredoxin family protein'
2 non-polymer GLYCEROL
3 non-polymer 'MAGNESIUM ION'
4 water water
#
_entity_poly.entity_id   1
_entity_poly.type   'polypeptide(L)'
_entity_poly.pdbx_seq_one_letter_code
;MGSSHHHHHHMSGENLYFQGASSGKSVTSEHQTKDEMKTEQTASKTSAAKGKEVADFELMGVDGKTYRLSDYKGKKVYLK
FWASWCSICLASLPDTDEIAKEAGDDYVVLTVVSPGHKGEQSEADFKNWYKGLDYKNLPVLVDPSGKLLETYGVRSYPTQ
AFIDKEGKLVKTHPGFMEKDAILQTLKELA
;
_entity_poly.pdbx_strand_id   A
#
# COMPACT_ATOMS: atom_id res chain seq x y z
N ALA A 55 5.11 13.77 -5.86
CA ALA A 55 4.90 14.57 -4.66
C ALA A 55 5.11 13.71 -3.41
N ASP A 56 5.80 14.28 -2.43
CA ASP A 56 6.11 13.53 -1.21
C ASP A 56 4.83 13.35 -0.36
N PHE A 57 4.86 12.33 0.50
CA PHE A 57 3.88 12.21 1.57
C PHE A 57 4.58 11.74 2.83
N GLU A 58 3.96 12.00 3.97
CA GLU A 58 4.46 11.54 5.25
C GLU A 58 3.27 11.00 6.02
N LEU A 59 3.32 9.71 6.33
CA LEU A 59 2.20 9.05 6.99
C LEU A 59 2.73 8.13 8.07
N MET A 60 1.96 7.99 9.14
CA MET A 60 2.34 7.05 10.17
C MET A 60 1.70 5.69 9.90
N GLY A 61 2.43 4.63 10.15
CA GLY A 61 1.90 3.29 10.05
C GLY A 61 1.21 2.85 11.33
N VAL A 62 0.47 1.76 11.26
CA VAL A 62 -0.13 1.16 12.45
C VAL A 62 0.97 0.77 13.44
N ASP A 63 2.18 0.60 12.93
CA ASP A 63 3.38 0.26 13.70
C ASP A 63 3.98 1.47 14.42
N GLY A 64 3.41 2.66 14.24
CA GLY A 64 3.95 3.88 14.84
C GLY A 64 5.11 4.50 14.09
N LYS A 65 5.62 3.82 13.05
CA LYS A 65 6.70 4.40 12.26
C LYS A 65 6.16 5.44 11.30
N THR A 66 6.98 6.45 10.99
CA THR A 66 6.65 7.50 10.05
C THR A 66 7.33 7.17 8.73
N TYR A 67 6.52 7.13 7.67
CA TYR A 67 6.97 6.76 6.34
C TYR A 67 6.90 7.97 5.44
N ARG A 68 7.96 8.26 4.69
CA ARG A 68 7.95 9.30 3.67
C ARG A 68 8.32 8.67 2.34
N LEU A 69 7.58 9.03 1.30
CA LEU A 69 7.87 8.50 -0.03
C LEU A 69 9.33 8.79 -0.40
N SER A 70 9.79 9.99 -0.05
CA SER A 70 11.15 10.41 -0.39
C SER A 70 12.22 9.55 0.28
N ASP A 71 11.85 8.83 1.34
CA ASP A 71 12.78 7.88 1.95
C ASP A 71 13.27 6.83 0.94
N TYR A 72 12.51 6.62 -0.13
CA TYR A 72 12.74 5.49 -1.03
C TYR A 72 13.29 5.91 -2.38
N LYS A 73 13.73 7.15 -2.47
CA LYS A 73 14.37 7.64 -3.69
C LYS A 73 15.54 6.67 -4.04
N GLY A 74 15.61 6.22 -5.30
CA GLY A 74 16.58 5.22 -5.68
C GLY A 74 16.08 3.79 -5.76
N LYS A 75 14.87 3.56 -5.24
CA LYS A 75 14.24 2.24 -5.25
C LYS A 75 12.85 2.38 -5.87
N LYS A 76 12.40 1.29 -6.48
CA LYS A 76 11.04 1.20 -6.99
C LYS A 76 10.13 0.94 -5.79
N VAL A 77 8.91 1.45 -5.89
CA VAL A 77 7.91 1.31 -4.82
C VAL A 77 6.62 0.68 -5.37
N TYR A 78 6.18 -0.39 -4.71
CA TYR A 78 4.83 -0.99 -4.93
C TYR A 78 3.96 -0.55 -3.75
N LEU A 79 2.92 0.21 -4.04
CA LEU A 79 1.98 0.72 -3.05
C LEU A 79 0.63 0.05 -3.30
N LYS A 80 0.09 -0.63 -2.29
CA LYS A 80 -1.22 -1.28 -2.38
C LYS A 80 -2.23 -0.46 -1.57
N PHE A 81 -3.28 0.03 -2.22
CA PHE A 81 -4.37 0.73 -1.55
C PHE A 81 -5.48 -0.25 -1.25
N TRP A 82 -5.97 -0.27 -0.01
CA TRP A 82 -6.98 -1.23 0.39
C TRP A 82 -7.87 -0.67 1.48
N ALA A 83 -8.88 -1.46 1.89
CA ALA A 83 -9.77 -1.12 3.00
C ALA A 83 -10.17 -2.39 3.74
N SER A 84 -10.51 -2.23 5.01
CA SER A 84 -10.85 -3.35 5.88
C SER A 84 -12.06 -4.14 5.41
N TRP A 85 -12.97 -3.47 4.71
CA TRP A 85 -14.22 -4.09 4.27
C TRP A 85 -14.12 -4.84 2.97
N CYS A 86 -12.97 -4.73 2.29
CA CYS A 86 -12.79 -5.25 0.94
C CYS A 86 -12.31 -6.69 1.01
N SER A 87 -13.21 -7.64 0.75
CA SER A 87 -12.88 -9.05 0.93
C SER A 87 -11.75 -9.53 -0.01
N ILE A 88 -11.73 -9.05 -1.25
CA ILE A 88 -10.65 -9.44 -2.15
C ILE A 88 -9.32 -8.90 -1.60
N CYS A 89 -9.34 -7.68 -1.05
CA CYS A 89 -8.13 -7.11 -0.47
C CYS A 89 -7.61 -8.02 0.61
N LEU A 90 -8.48 -8.43 1.52
CA LEU A 90 -8.05 -9.24 2.66
C LEU A 90 -7.52 -10.60 2.19
N ALA A 91 -8.14 -11.15 1.16
CA ALA A 91 -7.72 -12.44 0.63
C ALA A 91 -6.34 -12.39 0.00
N SER A 92 -5.96 -11.20 -0.48
CA SER A 92 -4.68 -11.03 -1.17
C SER A 92 -3.54 -10.54 -0.31
N LEU A 93 -3.83 -10.08 0.91
CA LEU A 93 -2.77 -9.60 1.79
C LEU A 93 -1.66 -10.63 2.02
N PRO A 94 -1.97 -11.93 2.05
CA PRO A 94 -0.82 -12.86 2.20
C PRO A 94 0.16 -12.76 1.04
N ASP A 95 -0.32 -12.58 -0.19
CA ASP A 95 0.57 -12.33 -1.36
C ASP A 95 1.41 -11.07 -1.14
N THR A 96 0.74 -10.00 -0.68
CA THR A 96 1.41 -8.75 -0.49
C THR A 96 2.51 -8.88 0.54
N ASP A 97 2.20 -9.61 1.60
CA ASP A 97 3.18 -9.83 2.67
C ASP A 97 4.39 -10.61 2.15
N GLU A 98 4.15 -11.62 1.32
CA GLU A 98 5.25 -12.39 0.69
C GLU A 98 6.13 -11.49 -0.17
N ILE A 99 5.49 -10.68 -1.01
CA ILE A 99 6.21 -9.77 -1.89
C ILE A 99 7.08 -8.85 -1.08
N ALA A 100 6.57 -8.36 0.04
CA ALA A 100 7.34 -7.50 0.94
C ALA A 100 8.50 -8.27 1.57
N LYS A 101 8.23 -9.47 2.05
CA LYS A 101 9.26 -10.31 2.69
C LYS A 101 10.42 -10.56 1.74
N GLU A 102 10.10 -10.74 0.46
CA GLU A 102 11.07 -11.19 -0.54
C GLU A 102 11.81 -10.03 -1.19
N ALA A 103 11.51 -8.80 -0.77
CA ALA A 103 11.94 -7.62 -1.50
C ALA A 103 13.46 -7.52 -1.63
N GLY A 104 14.18 -7.87 -0.57
CA GLY A 104 15.63 -7.68 -0.60
C GLY A 104 15.88 -6.20 -0.82
N ASP A 105 16.80 -5.88 -1.75
CA ASP A 105 17.14 -4.50 -2.08
C ASP A 105 16.53 -4.06 -3.41
N ASP A 106 15.64 -4.89 -3.94
CA ASP A 106 15.09 -4.71 -5.28
C ASP A 106 14.00 -3.62 -5.40
N TYR A 107 13.20 -3.47 -4.35
CA TYR A 107 12.02 -2.59 -4.38
C TYR A 107 11.52 -2.50 -2.94
N VAL A 108 10.53 -1.65 -2.72
CA VAL A 108 9.93 -1.43 -1.41
C VAL A 108 8.42 -1.66 -1.56
N VAL A 109 7.81 -2.26 -0.54
CA VAL A 109 6.35 -2.47 -0.48
C VAL A 109 5.76 -1.61 0.63
N LEU A 110 4.73 -0.85 0.29
CA LEU A 110 3.93 -0.10 1.27
C LEU A 110 2.47 -0.37 1.00
N THR A 111 1.65 -0.35 2.04
CA THR A 111 0.19 -0.41 1.84
C THR A 111 -0.43 0.80 2.50
N VAL A 112 -1.60 1.21 2.03
CA VAL A 112 -2.27 2.41 2.53
C VAL A 112 -3.75 2.18 2.74
N VAL A 113 -4.22 2.53 3.94
CA VAL A 113 -5.64 2.59 4.25
C VAL A 113 -5.97 4.04 4.55
N SER A 114 -7.24 4.39 4.40
CA SER A 114 -7.68 5.79 4.47
C SER A 114 -8.89 5.94 5.38
N PRO A 115 -8.67 5.98 6.69
CA PRO A 115 -9.79 6.01 7.65
C PRO A 115 -10.72 7.18 7.36
N GLY A 116 -12.02 6.94 7.44
CA GLY A 116 -13.01 7.99 7.20
C GLY A 116 -13.34 8.25 5.75
N HIS A 117 -12.68 7.55 4.84
CA HIS A 117 -12.90 7.69 3.41
C HIS A 117 -13.30 6.36 2.76
N LYS A 118 -14.13 6.39 1.72
CA LYS A 118 -14.53 5.22 0.98
C LYS A 118 -15.05 4.13 1.94
N GLY A 119 -15.75 4.55 2.97
CA GLY A 119 -16.41 3.60 3.87
C GLY A 119 -15.50 2.94 4.88
N GLU A 120 -14.26 3.42 4.99
CA GLU A 120 -13.35 2.85 5.99
C GLU A 120 -13.71 3.30 7.40
N GLN A 121 -13.38 2.45 8.38
CA GLN A 121 -13.52 2.76 9.79
C GLN A 121 -12.72 4.00 10.16
N SER A 122 -13.03 4.57 11.33
CA SER A 122 -12.22 5.63 11.87
C SER A 122 -10.82 5.12 12.16
N GLU A 123 -9.87 6.03 12.33
CA GLU A 123 -8.49 5.64 12.56
C GLU A 123 -8.39 4.79 13.80
N ALA A 124 -9.05 5.20 14.88
CA ALA A 124 -8.92 4.45 16.11
C ALA A 124 -9.53 3.06 15.98
N ASP A 125 -10.67 2.96 15.32
CA ASP A 125 -11.33 1.67 15.17
C ASP A 125 -10.51 0.77 14.24
N PHE A 126 -9.95 1.36 13.19
CA PHE A 126 -9.11 0.60 12.26
C PHE A 126 -7.93 -0.01 13.00
N LYS A 127 -7.24 0.79 13.79
CA LYS A 127 -6.05 0.30 14.47
C LYS A 127 -6.39 -0.86 15.39
N ASN A 128 -7.53 -0.77 16.08
CA ASN A 128 -7.98 -1.91 16.89
C ASN A 128 -8.29 -3.13 16.03
N TRP A 129 -9.12 -2.97 15.01
CA TRP A 129 -9.48 -4.04 14.09
C TRP A 129 -8.27 -4.78 13.50
N TYR A 130 -7.26 -3.99 13.16
CA TYR A 130 -6.11 -4.56 12.48
C TYR A 130 -5.35 -5.52 13.39
N LYS A 131 -5.47 -5.38 14.71
CA LYS A 131 -4.81 -6.33 15.62
C LYS A 131 -5.27 -7.76 15.38
N GLY A 132 -6.45 -7.94 14.79
CA GLY A 132 -6.92 -9.28 14.44
C GLY A 132 -6.24 -9.93 13.25
N LEU A 133 -5.44 -9.16 12.52
CA LEU A 133 -4.76 -9.65 11.32
C LEU A 133 -3.30 -9.93 11.65
N ASP A 134 -2.62 -10.68 10.78
CA ASP A 134 -1.28 -11.19 11.07
C ASP A 134 -0.42 -11.13 9.82
N TYR A 135 0.23 -9.98 9.63
CA TYR A 135 1.13 -9.76 8.49
C TYR A 135 2.40 -9.14 8.99
N LYS A 136 3.43 -9.97 9.11
CA LYS A 136 4.62 -9.54 9.81
C LYS A 136 5.46 -8.60 8.97
N ASN A 137 5.27 -8.63 7.65
CA ASN A 137 6.13 -7.90 6.73
C ASN A 137 5.49 -6.71 6.02
N LEU A 138 4.27 -6.35 6.39
CA LEU A 138 3.53 -5.30 5.69
C LEU A 138 3.40 -3.99 6.44
N PRO A 139 3.97 -2.92 5.91
CA PRO A 139 3.62 -1.59 6.41
C PRO A 139 2.19 -1.27 6.06
N VAL A 140 1.42 -0.75 7.01
CA VAL A 140 0.05 -0.30 6.79
C VAL A 140 -0.01 1.17 7.20
N LEU A 141 0.15 2.04 6.22
CA LEU A 141 0.16 3.48 6.40
C LEU A 141 -1.27 3.97 6.50
N VAL A 142 -1.54 4.88 7.43
CA VAL A 142 -2.87 5.36 7.65
C VAL A 142 -2.97 6.80 7.17
N ASP A 143 -3.93 7.08 6.27
CA ASP A 143 -4.14 8.44 5.74
C ASP A 143 -5.58 8.89 5.94
N PRO A 144 -5.88 9.41 7.13
CA PRO A 144 -7.25 9.89 7.38
C PRO A 144 -7.63 11.11 6.53
N SER A 145 -6.68 11.71 5.81
CA SER A 145 -7.00 12.86 4.96
C SER A 145 -7.62 12.46 3.64
N GLY A 146 -7.39 11.22 3.21
CA GLY A 146 -7.90 10.79 1.92
C GLY A 146 -7.13 11.39 0.75
N LYS A 147 -6.04 12.07 1.03
CA LYS A 147 -5.34 12.77 -0.05
C LYS A 147 -4.60 11.84 -1.01
N LEU A 148 -4.00 10.76 -0.52
CA LEU A 148 -3.27 9.90 -1.43
C LEU A 148 -4.24 9.27 -2.43
N LEU A 149 -5.45 8.96 -2.00
CA LEU A 149 -6.46 8.42 -2.92
C LEU A 149 -6.62 9.36 -4.11
N GLU A 150 -6.68 10.66 -3.84
CA GLU A 150 -6.84 11.65 -4.90
C GLU A 150 -5.59 11.70 -5.77
N THR A 151 -4.42 11.81 -5.14
CA THR A 151 -3.15 11.89 -5.86
C THR A 151 -2.95 10.75 -6.85
N TYR A 152 -3.26 9.53 -6.41
CA TYR A 152 -3.00 8.34 -7.19
C TYR A 152 -4.20 7.90 -8.02
N GLY A 153 -5.27 8.69 -8.00
CA GLY A 153 -6.44 8.43 -8.83
C GLY A 153 -7.12 7.10 -8.51
N VAL A 154 -7.17 6.76 -7.21
CA VAL A 154 -7.75 5.49 -6.81
C VAL A 154 -9.27 5.58 -6.81
N ARG A 155 -9.89 4.67 -7.55
CA ARG A 155 -11.35 4.64 -7.74
C ARG A 155 -12.02 3.44 -7.05
N SER A 156 -11.25 2.38 -6.81
CA SER A 156 -11.79 1.15 -6.28
C SER A 156 -10.67 0.43 -5.54
N TYR A 157 -11.04 -0.60 -4.80
CA TYR A 157 -10.06 -1.39 -4.07
C TYR A 157 -10.07 -2.86 -4.47
N PRO A 158 -8.91 -3.53 -4.42
CA PRO A 158 -7.61 -2.91 -4.17
C PRO A 158 -7.17 -2.12 -5.39
N THR A 159 -6.22 -1.22 -5.22
CA THR A 159 -5.53 -0.64 -6.36
C THR A 159 -4.05 -0.78 -6.12
N GLN A 160 -3.34 -1.25 -7.13
CA GLN A 160 -1.90 -1.45 -7.10
C GLN A 160 -1.27 -0.24 -7.77
N ALA A 161 -0.31 0.41 -7.11
CA ALA A 161 0.40 1.54 -7.70
C ALA A 161 1.90 1.21 -7.76
N PHE A 162 2.52 1.62 -8.86
CA PHE A 162 3.93 1.36 -9.12
C PHE A 162 4.65 2.69 -9.38
N ILE A 163 5.66 2.94 -8.56
CA ILE A 163 6.38 4.19 -8.53
C ILE A 163 7.84 3.90 -8.83
N ASP A 164 8.41 4.76 -9.69
CA ASP A 164 9.80 4.57 -10.12
C ASP A 164 10.82 5.11 -9.10
N LYS A 165 12.10 4.98 -9.43
CA LYS A 165 13.19 5.33 -8.51
C LYS A 165 13.30 6.82 -8.21
N GLU A 166 12.55 7.64 -8.95
CA GLU A 166 12.51 9.08 -8.67
C GLU A 166 11.23 9.52 -7.95
N GLY A 167 10.39 8.56 -7.59
CA GLY A 167 9.16 8.90 -6.89
C GLY A 167 7.99 9.30 -7.78
N LYS A 168 8.11 9.09 -9.09
CA LYS A 168 7.00 9.34 -10.03
C LYS A 168 6.15 8.08 -10.30
N LEU A 169 4.84 8.29 -10.39
CA LEU A 169 3.89 7.21 -10.64
C LEU A 169 4.01 6.73 -12.07
N VAL A 170 4.26 5.43 -12.25
CA VAL A 170 4.37 4.80 -13.56
C VAL A 170 3.06 4.13 -13.99
N LYS A 171 2.37 3.50 -13.04
CA LYS A 171 1.23 2.67 -13.37
C LYS A 171 0.32 2.50 -12.19
N THR A 172 -0.98 2.49 -12.43
CA THR A 172 -1.92 1.95 -11.45
C THR A 172 -2.74 0.83 -12.08
N HIS A 173 -3.18 -0.08 -11.24
CA HIS A 173 -4.01 -1.17 -11.69
C HIS A 173 -5.12 -1.38 -10.68
N PRO A 174 -6.37 -1.11 -11.08
CA PRO A 174 -7.50 -1.39 -10.20
C PRO A 174 -7.80 -2.87 -10.19
N GLY A 175 -7.93 -3.42 -9.00
CA GLY A 175 -8.28 -4.81 -8.85
C GLY A 175 -7.15 -5.74 -8.48
N PHE A 176 -7.55 -6.98 -8.25
CA PHE A 176 -6.66 -8.07 -7.98
C PHE A 176 -5.56 -8.12 -9.03
N MET A 177 -4.35 -8.39 -8.56
CA MET A 177 -3.21 -8.69 -9.41
C MET A 177 -2.44 -9.86 -8.83
N GLU A 178 -2.19 -10.87 -9.63
CA GLU A 178 -1.45 -12.04 -9.22
C GLU A 178 -0.03 -11.67 -8.80
N LYS A 179 0.48 -12.37 -7.81
CA LYS A 179 1.79 -12.09 -7.24
C LYS A 179 2.89 -12.00 -8.30
N ASP A 180 2.99 -13.01 -9.16
CA ASP A 180 4.06 -12.98 -10.16
C ASP A 180 3.90 -11.82 -11.15
N ALA A 181 2.67 -11.41 -11.42
CA ALA A 181 2.44 -10.24 -12.28
C ALA A 181 2.89 -8.94 -11.61
N ILE A 182 2.69 -8.84 -10.30
CA ILE A 182 3.19 -7.68 -9.58
C ILE A 182 4.72 -7.64 -9.66
N LEU A 183 5.35 -8.76 -9.40
CA LEU A 183 6.81 -8.84 -9.45
C LEU A 183 7.33 -8.54 -10.86
N GLN A 184 6.67 -9.04 -11.88
CA GLN A 184 7.13 -8.75 -13.25
C GLN A 184 6.97 -7.27 -13.58
N THR A 185 5.90 -6.66 -13.10
CA THR A 185 5.66 -5.26 -13.34
C THR A 185 6.82 -4.45 -12.73
N LEU A 186 7.21 -4.80 -11.51
CA LEU A 186 8.34 -4.14 -10.87
C LEU A 186 9.63 -4.30 -11.69
N LYS A 187 9.86 -5.50 -12.21
CA LYS A 187 11.04 -5.74 -13.04
C LYS A 187 11.06 -4.87 -14.27
N GLU A 188 9.89 -4.54 -14.79
CA GLU A 188 9.84 -3.76 -16.01
C GLU A 188 10.08 -2.26 -15.79
N LEU A 189 10.05 -1.82 -14.53
CA LEU A 189 10.42 -0.44 -14.23
C LEU A 189 11.92 -0.33 -14.43
#